data_5CXM
#
_entry.id   5CXM
#
_cell.length_a   21.747
_cell.length_b   55.011
_cell.length_c   80.709
_cell.angle_alpha   80.44
_cell.angle_beta   89.87
_cell.angle_gamma   84.11
#
_symmetry.space_group_name_H-M   'P 1'
#
loop_
_entity.id
_entity.type
_entity.pdbx_description
1 polymer 'Cytochrome b6/f complex iron-sulfur subunit'
2 non-polymer 'FE2/S2 (INORGANIC) CLUSTER'
3 non-polymer 'NICKEL (II) ION'
4 non-polymer 'SULFATE ION'
5 water water
#
_entity_poly.entity_id   1
_entity_poly.type   'polypeptide(L)'
_entity_poly.pdbx_seq_one_letter_code
;FGGNSSNGQGQTVNVGTMADLKAKGELKGNTPKGPVTVVPNGNSGQISAVNPTCTHNGCQVNWKKANGKFVCPCHGAEFA
ATGKVLKGPAIRDLPTYATQVSGNNILVKA
;
_entity_poly.pdbx_strand_id   A,B,C,D
#
loop_
_chem_comp.id
_chem_comp.type
_chem_comp.name
_chem_comp.formula
FES non-polymer 'FE2/S2 (INORGANIC) CLUSTER' 'Fe2 S2'
NI non-polymer 'NICKEL (II) ION' 'Ni 2'
SO4 non-polymer 'SULFATE ION' 'O4 S -2'
#
# COMPACT_ATOMS: atom_id res chain seq x y z
N THR A 12 -3.83 40.52 -36.16
CA THR A 12 -3.01 39.28 -36.06
C THR A 12 -1.70 39.52 -35.32
N VAL A 13 -1.17 38.45 -34.76
CA VAL A 13 0.07 38.51 -34.01
C VAL A 13 1.08 37.59 -34.67
N ASN A 14 2.23 38.15 -35.02
CA ASN A 14 3.30 37.39 -35.64
C ASN A 14 4.10 36.79 -34.50
N VAL A 15 4.08 35.47 -34.35
CA VAL A 15 4.79 34.82 -33.26
C VAL A 15 6.13 34.22 -33.67
N GLY A 16 6.50 34.39 -34.95
CA GLY A 16 7.76 33.84 -35.40
C GLY A 16 7.61 33.08 -36.70
N THR A 17 8.70 32.50 -37.19
CA THR A 17 8.70 31.76 -38.45
C THR A 17 8.55 30.26 -38.31
N MET A 18 8.29 29.60 -39.42
CA MET A 18 8.17 28.15 -39.40
C MET A 18 9.51 27.57 -39.02
N ALA A 19 10.60 28.27 -39.39
CA ALA A 19 11.93 27.80 -39.04
C ALA A 19 12.10 27.88 -37.53
N ASP A 20 11.63 28.96 -36.92
CA ASP A 20 11.69 29.12 -35.47
C ASP A 20 10.91 28.03 -34.77
N LEU A 21 9.71 27.77 -35.26
CA LEU A 21 8.89 26.71 -34.68
C LEU A 21 9.65 25.39 -34.78
N LYS A 22 10.31 25.16 -35.91
CA LYS A 22 11.05 23.92 -36.09
C LYS A 22 12.18 23.80 -35.08
N ALA A 23 12.97 24.87 -34.98
CA ALA A 23 14.12 24.88 -34.08
C ALA A 23 13.78 24.92 -32.60
N LYS A 24 12.69 25.60 -32.25
CA LYS A 24 12.30 25.78 -30.86
C LYS A 24 11.25 24.81 -30.33
N GLY A 25 10.53 24.16 -31.24
CA GLY A 25 9.50 23.21 -30.86
C GLY A 25 8.15 23.86 -30.67
N GLU A 26 8.15 25.15 -30.32
CA GLU A 26 6.90 25.89 -30.09
C GLU A 26 7.16 27.38 -30.11
N LEU A 27 6.10 28.16 -30.27
CA LEU A 27 6.21 29.60 -30.26
C LEU A 27 5.13 30.16 -29.35
N LYS A 28 5.51 31.03 -28.43
CA LYS A 28 4.53 31.65 -27.54
C LYS A 28 4.30 33.09 -27.94
N GLY A 29 3.12 33.58 -27.61
CA GLY A 29 2.77 34.95 -27.91
C GLY A 29 1.68 35.44 -26.99
N ASN A 30 1.35 36.72 -27.15
CA ASN A 30 0.31 37.37 -26.38
C ASN A 30 -0.63 37.92 -27.42
N THR A 31 -1.93 37.66 -27.29
CA THR A 31 -2.89 38.17 -28.26
C THR A 31 -3.96 38.94 -27.51
N PRO A 32 -4.80 39.66 -28.25
CA PRO A 32 -5.87 40.44 -27.63
C PRO A 32 -6.89 39.54 -26.94
N LYS A 33 -6.84 38.24 -27.22
CA LYS A 33 -7.78 37.33 -26.60
C LYS A 33 -7.10 36.38 -25.62
N GLY A 34 -5.86 36.70 -25.27
CA GLY A 34 -5.14 35.88 -24.32
C GLY A 34 -3.83 35.33 -24.85
N PRO A 35 -3.14 34.54 -24.02
CA PRO A 35 -1.87 33.96 -24.44
C PRO A 35 -2.09 32.94 -25.54
N VAL A 36 -1.03 32.69 -26.29
CA VAL A 36 -1.07 31.67 -27.33
C VAL A 36 0.21 30.87 -27.33
N THR A 37 0.11 29.58 -27.60
CA THR A 37 1.28 28.75 -27.76
C THR A 37 1.02 28.05 -29.06
N VAL A 38 1.94 28.17 -29.99
CA VAL A 38 1.81 27.52 -31.29
C VAL A 38 2.73 26.31 -31.33
N VAL A 39 2.16 25.16 -31.72
CA VAL A 39 2.93 23.94 -31.80
C VAL A 39 2.63 23.24 -33.14
N PRO A 40 3.51 22.33 -33.56
CA PRO A 40 3.24 21.66 -34.83
C PRO A 40 2.05 20.75 -34.57
N ASN A 41 1.29 20.47 -35.62
CA ASN A 41 0.14 19.57 -35.51
C ASN A 41 0.23 18.61 -36.69
N GLY A 42 1.44 18.16 -36.97
CA GLY A 42 1.65 17.25 -38.07
C GLY A 42 3.00 17.51 -38.68
N ASN A 43 3.31 16.75 -39.73
CA ASN A 43 4.59 16.87 -40.37
C ASN A 43 4.60 17.52 -41.74
N SER A 44 3.45 18.08 -42.13
CA SER A 44 3.36 18.72 -43.43
C SER A 44 3.10 20.20 -43.31
N GLY A 45 3.57 20.80 -42.22
CA GLY A 45 3.39 22.23 -42.02
C GLY A 45 2.17 22.59 -41.22
N GLN A 46 1.40 21.59 -40.79
CA GLN A 46 0.23 21.86 -40.00
C GLN A 46 0.68 22.41 -38.66
N ILE A 47 -0.05 23.40 -38.18
CA ILE A 47 0.29 24.00 -36.90
C ILE A 47 -0.99 24.21 -36.12
N SER A 48 -0.86 24.29 -34.82
CA SER A 48 -2.02 24.51 -33.96
C SER A 48 -1.67 25.56 -32.95
N ALA A 49 -2.52 26.57 -32.86
CA ALA A 49 -2.32 27.66 -31.91
C ALA A 49 -3.39 27.52 -30.83
N VAL A 50 -2.95 27.32 -29.59
CA VAL A 50 -3.92 27.15 -28.52
C VAL A 50 -3.74 28.24 -27.48
N ASN A 51 -4.78 28.46 -26.70
CA ASN A 51 -4.67 29.38 -25.58
C ASN A 51 -4.25 28.35 -24.51
N PRO A 52 -3.01 28.44 -24.01
CA PRO A 52 -2.51 27.49 -23.00
C PRO A 52 -3.13 27.56 -21.60
N THR A 53 -4.16 28.38 -21.43
CA THR A 53 -4.82 28.47 -20.13
C THR A 53 -5.60 27.20 -19.90
N CYS A 54 -5.14 26.39 -18.96
CA CYS A 54 -5.83 25.16 -18.64
C CYS A 54 -7.29 25.45 -18.34
N THR A 55 -8.18 24.67 -18.93
CA THR A 55 -9.63 24.87 -18.75
C THR A 55 -10.16 24.39 -17.42
N HIS A 56 -9.27 23.83 -16.60
CA HIS A 56 -9.70 23.40 -15.28
C HIS A 56 -9.60 24.61 -14.34
N ASN A 57 -8.39 24.97 -13.94
CA ASN A 57 -8.18 26.10 -13.01
C ASN A 57 -7.21 27.17 -13.50
N GLY A 58 -7.14 27.36 -14.82
CA GLY A 58 -6.30 28.42 -15.36
C GLY A 58 -4.78 28.40 -15.34
N CYS A 59 -4.15 27.33 -14.88
CA CYS A 59 -2.69 27.29 -14.93
C CYS A 59 -2.29 27.22 -16.39
N GLN A 60 -1.09 27.68 -16.72
CA GLN A 60 -0.65 27.62 -18.10
C GLN A 60 -0.08 26.23 -18.40
N VAL A 61 -0.63 25.58 -19.43
CA VAL A 61 -0.16 24.24 -19.76
C VAL A 61 1.16 24.31 -20.50
N ASN A 62 1.92 23.23 -20.42
CA ASN A 62 3.25 23.16 -21.00
C ASN A 62 3.38 22.10 -22.09
N TRP A 63 3.75 22.53 -23.29
CA TRP A 63 3.92 21.63 -24.41
C TRP A 63 5.09 20.68 -24.16
N LYS A 64 4.82 19.38 -24.22
CA LYS A 64 5.86 18.37 -24.02
C LYS A 64 5.98 17.61 -25.33
N LYS A 65 6.88 18.08 -26.18
CA LYS A 65 7.03 17.47 -27.49
C LYS A 65 7.27 15.97 -27.49
N ALA A 66 8.01 15.48 -26.50
CA ALA A 66 8.32 14.06 -26.42
C ALA A 66 7.07 13.19 -26.23
N ASN A 67 6.02 13.78 -25.68
CA ASN A 67 4.79 13.05 -25.44
C ASN A 67 3.67 13.51 -26.38
N GLY A 68 3.97 14.51 -27.20
CA GLY A 68 2.99 15.07 -28.14
C GLY A 68 1.76 15.63 -27.43
N LYS A 69 1.94 16.14 -26.21
CA LYS A 69 0.82 16.65 -25.45
C LYS A 69 1.18 17.86 -24.61
N PHE A 70 0.17 18.65 -24.30
CA PHE A 70 0.33 19.77 -23.39
C PHE A 70 0.00 19.15 -22.06
N VAL A 71 0.80 19.40 -21.04
CA VAL A 71 0.52 18.85 -19.72
C VAL A 71 0.39 20.01 -18.73
N CYS A 72 -0.68 20.03 -17.95
CA CYS A 72 -0.86 21.11 -17.00
C CYS A 72 -0.04 20.79 -15.77
N PRO A 73 0.85 21.71 -15.36
CA PRO A 73 1.69 21.48 -14.18
C PRO A 73 0.96 21.53 -12.83
N CYS A 74 -0.25 22.08 -12.82
CA CYS A 74 -0.98 22.17 -11.57
C CYS A 74 -1.69 20.90 -11.17
N HIS A 75 -2.55 20.36 -12.03
CA HIS A 75 -3.19 19.11 -11.64
C HIS A 75 -3.14 17.99 -12.69
N GLY A 76 -2.23 18.11 -13.64
CA GLY A 76 -2.06 17.04 -14.60
C GLY A 76 -2.98 16.85 -15.78
N ALA A 77 -3.90 17.77 -16.05
CA ALA A 77 -4.74 17.62 -17.24
C ALA A 77 -3.80 17.59 -18.44
N GLU A 78 -4.22 16.91 -19.50
CA GLU A 78 -3.38 16.83 -20.70
C GLU A 78 -4.21 17.16 -21.90
N PHE A 79 -3.58 17.72 -22.91
CA PHE A 79 -4.28 18.10 -24.13
C PHE A 79 -3.43 17.76 -25.32
N ALA A 80 -4.10 17.43 -26.41
CA ALA A 80 -3.43 17.13 -27.67
C ALA A 80 -2.93 18.46 -28.28
N ALA A 81 -2.12 18.38 -29.34
CA ALA A 81 -1.61 19.58 -29.96
C ALA A 81 -2.74 20.51 -30.41
N THR A 82 -3.88 19.90 -30.72
CA THR A 82 -5.08 20.62 -31.17
C THR A 82 -5.84 21.25 -30.01
N GLY A 83 -5.43 20.94 -28.77
CA GLY A 83 -6.12 21.49 -27.63
C GLY A 83 -7.17 20.54 -27.08
N LYS A 84 -7.40 19.44 -27.79
CA LYS A 84 -8.38 18.45 -27.34
C LYS A 84 -7.97 17.88 -26.00
N VAL A 85 -8.90 17.90 -25.04
CA VAL A 85 -8.59 17.38 -23.72
C VAL A 85 -8.43 15.87 -23.79
N LEU A 86 -7.35 15.40 -23.20
CA LEU A 86 -7.02 13.98 -23.22
C LEU A 86 -7.07 13.37 -21.83
N LYS A 87 -6.90 14.21 -20.81
CA LYS A 87 -6.90 13.74 -19.44
C LYS A 87 -7.41 14.80 -18.50
N GLY A 88 -8.25 14.39 -17.56
CA GLY A 88 -8.81 15.31 -16.57
C GLY A 88 -7.75 15.86 -15.65
N PRO A 89 -8.15 16.69 -14.67
CA PRO A 89 -9.52 17.11 -14.42
C PRO A 89 -10.19 18.09 -15.38
N ALA A 90 -9.44 18.67 -16.32
CA ALA A 90 -10.09 19.58 -17.26
C ALA A 90 -11.10 18.75 -18.05
N ILE A 91 -12.23 19.36 -18.42
CA ILE A 91 -13.23 18.64 -19.21
C ILE A 91 -13.58 19.34 -20.52
N ARG A 92 -12.92 20.48 -20.76
CA ARG A 92 -13.13 21.29 -21.96
C ARG A 92 -11.82 21.40 -22.70
N ASP A 93 -11.89 21.41 -24.03
CA ASP A 93 -10.70 21.54 -24.83
C ASP A 93 -10.15 22.96 -24.68
N LEU A 94 -8.86 23.12 -24.97
CA LEU A 94 -8.27 24.44 -24.89
C LEU A 94 -8.84 25.30 -26.01
N PRO A 95 -9.01 26.59 -25.73
CA PRO A 95 -9.52 27.46 -26.79
C PRO A 95 -8.38 27.45 -27.82
N THR A 96 -8.70 27.74 -29.07
CA THR A 96 -7.70 27.79 -30.12
C THR A 96 -7.85 29.06 -30.93
N TYR A 97 -6.83 29.35 -31.73
CA TYR A 97 -6.83 30.52 -32.59
C TYR A 97 -6.60 30.09 -34.02
N ALA A 98 -7.25 30.77 -34.96
CA ALA A 98 -7.00 30.44 -36.36
C ALA A 98 -5.59 30.98 -36.64
N THR A 99 -4.89 30.36 -37.58
CA THR A 99 -3.56 30.83 -37.93
C THR A 99 -3.48 30.97 -39.42
N GLN A 100 -2.44 31.66 -39.85
CA GLN A 100 -2.19 31.86 -41.25
C GLN A 100 -0.69 31.95 -41.35
N VAL A 101 -0.12 31.23 -42.30
CA VAL A 101 1.30 31.30 -42.49
C VAL A 101 1.48 32.16 -43.73
N SER A 102 2.12 33.30 -43.57
CA SER A 102 2.37 34.21 -44.68
C SER A 102 3.87 34.29 -44.87
N GLY A 103 4.37 33.62 -45.90
CA GLY A 103 5.79 33.65 -46.18
C GLY A 103 6.64 33.32 -44.97
N ASN A 104 6.47 32.10 -44.47
CA ASN A 104 7.24 31.64 -43.32
C ASN A 104 6.82 32.22 -41.96
N ASN A 105 6.10 33.34 -41.96
CA ASN A 105 5.65 33.94 -40.70
C ASN A 105 4.37 33.29 -40.21
N ILE A 106 4.35 32.91 -38.93
CA ILE A 106 3.17 32.32 -38.37
C ILE A 106 2.35 33.44 -37.77
N LEU A 107 1.16 33.66 -38.31
CA LEU A 107 0.30 34.72 -37.82
C LEU A 107 -0.86 34.15 -37.05
N VAL A 108 -1.05 34.63 -35.83
CA VAL A 108 -2.15 34.17 -34.99
C VAL A 108 -3.25 35.21 -35.08
N LYS A 109 -4.45 34.76 -35.44
CA LYS A 109 -5.58 35.67 -35.58
C LYS A 109 -6.51 35.79 -34.38
N ALA A 110 -7.07 36.99 -34.24
CA ALA A 110 -8.03 37.37 -33.17
C ALA A 110 -7.34 37.88 -31.92
N THR B 12 -14.51 10.89 21.69
CA THR B 12 -15.61 11.79 22.14
C THR B 12 -16.81 11.70 21.20
N VAL B 13 -16.59 11.16 20.01
CA VAL B 13 -17.68 10.96 19.06
C VAL B 13 -17.72 9.48 18.74
N ASN B 14 -18.84 8.84 19.06
CA ASN B 14 -19.02 7.42 18.82
C ASN B 14 -19.54 7.24 17.41
N VAL B 15 -18.71 6.65 16.54
CA VAL B 15 -19.10 6.47 15.14
C VAL B 15 -19.59 5.09 14.80
N GLY B 16 -19.58 4.18 15.78
CA GLY B 16 -20.03 2.83 15.52
C GLY B 16 -19.10 1.81 16.15
N THR B 17 -19.37 0.53 15.88
CA THR B 17 -18.57 -0.56 16.44
C THR B 17 -17.56 -1.11 15.44
N MET B 18 -16.66 -1.98 15.92
CA MET B 18 -15.68 -2.58 15.05
C MET B 18 -16.43 -3.46 14.05
N ALA B 19 -17.53 -4.05 14.50
CA ALA B 19 -18.32 -4.91 13.64
C ALA B 19 -18.88 -4.09 12.48
N ASP B 20 -19.37 -2.88 12.80
CA ASP B 20 -19.92 -1.97 11.79
C ASP B 20 -18.81 -1.59 10.84
N LEU B 21 -17.62 -1.32 11.39
CA LEU B 21 -16.50 -0.95 10.55
C LEU B 21 -16.14 -2.13 9.64
N LYS B 22 -16.18 -3.35 10.16
CA LYS B 22 -15.87 -4.51 9.33
C LYS B 22 -16.89 -4.72 8.24
N ALA B 23 -18.17 -4.63 8.62
CA ALA B 23 -19.26 -4.84 7.67
C ALA B 23 -19.42 -3.71 6.67
N LYS B 24 -19.14 -2.48 7.09
CA LYS B 24 -19.32 -1.36 6.20
C LYS B 24 -18.09 -0.88 5.48
N GLY B 25 -16.93 -1.19 6.03
CA GLY B 25 -15.68 -0.79 5.42
C GLY B 25 -15.14 0.51 5.98
N GLU B 26 -16.05 1.34 6.48
CA GLU B 26 -15.65 2.62 7.05
C GLU B 26 -16.81 3.17 7.86
N LEU B 27 -16.52 4.16 8.68
CA LEU B 27 -17.54 4.77 9.48
C LEU B 27 -17.32 6.27 9.38
N LYS B 28 -18.38 7.02 9.07
CA LYS B 28 -18.27 8.46 8.95
C LYS B 28 -18.90 9.14 10.14
N GLY B 29 -18.41 10.33 10.44
CA GLY B 29 -19.00 11.09 11.53
C GLY B 29 -18.67 12.56 11.42
N ASN B 30 -19.17 13.31 12.40
CA ASN B 30 -18.95 14.73 12.47
C ASN B 30 -18.38 15.02 13.84
N THR B 31 -17.31 15.80 13.89
CA THR B 31 -16.66 16.15 15.14
C THR B 31 -16.54 17.65 15.25
N PRO B 32 -16.14 18.14 16.44
CA PRO B 32 -15.97 19.57 16.69
C PRO B 32 -14.86 20.20 15.86
N LYS B 33 -14.02 19.35 15.26
CA LYS B 33 -12.94 19.84 14.43
C LYS B 33 -13.11 19.45 12.97
N GLY B 34 -14.32 19.03 12.63
CA GLY B 34 -14.59 18.68 11.25
C GLY B 34 -15.09 17.26 11.04
N PRO B 35 -15.31 16.89 9.79
CA PRO B 35 -15.78 15.54 9.48
C PRO B 35 -14.69 14.52 9.78
N VAL B 36 -15.12 13.27 9.93
CA VAL B 36 -14.17 12.19 10.17
C VAL B 36 -14.61 10.96 9.40
N THR B 37 -13.63 10.23 8.88
CA THR B 37 -13.94 8.96 8.24
C THR B 37 -12.99 8.01 8.93
N VAL B 38 -13.52 6.91 9.44
CA VAL B 38 -12.69 5.92 10.13
C VAL B 38 -12.57 4.69 9.25
N VAL B 39 -11.34 4.24 9.03
CA VAL B 39 -11.10 3.08 8.19
C VAL B 39 -10.11 2.14 8.88
N PRO B 40 -10.08 0.89 8.44
CA PRO B 40 -9.14 -0.10 9.02
C PRO B 40 -7.74 0.32 8.58
N ASN B 41 -6.75 0.03 9.44
CA ASN B 41 -5.35 0.33 9.15
C ASN B 41 -4.52 -0.89 9.60
N GLY B 42 -4.98 -2.07 9.21
CA GLY B 42 -4.28 -3.30 9.56
C GLY B 42 -5.26 -4.42 9.83
N ASN B 43 -4.71 -5.62 10.10
CA ASN B 43 -5.56 -6.77 10.37
C ASN B 43 -5.58 -7.10 11.85
N SER B 44 -4.86 -6.31 12.64
CA SER B 44 -4.82 -6.54 14.08
C SER B 44 -5.75 -5.58 14.81
N GLY B 45 -6.79 -5.15 14.09
CA GLY B 45 -7.77 -4.25 14.66
C GLY B 45 -7.33 -2.81 14.67
N GLN B 46 -6.23 -2.50 13.97
CA GLN B 46 -5.75 -1.12 13.92
C GLN B 46 -6.71 -0.32 13.05
N ILE B 47 -7.03 0.89 13.49
CA ILE B 47 -7.92 1.75 12.73
C ILE B 47 -7.31 3.13 12.61
N SER B 48 -7.83 3.90 11.67
CA SER B 48 -7.34 5.24 11.42
C SER B 48 -8.50 6.18 11.12
N ALA B 49 -8.52 7.30 11.83
CA ALA B 49 -9.56 8.32 11.66
C ALA B 49 -8.93 9.53 10.99
N VAL B 50 -9.46 9.91 9.83
CA VAL B 50 -8.89 11.07 9.16
C VAL B 50 -9.99 12.08 8.98
N ASN B 51 -9.60 13.32 8.70
CA ASN B 51 -10.56 14.36 8.35
C ASN B 51 -10.48 14.19 6.83
N PRO B 52 -11.58 13.75 6.18
CA PRO B 52 -11.60 13.52 4.73
C PRO B 52 -11.54 14.74 3.81
N THR B 53 -11.31 15.92 4.38
CA THR B 53 -11.23 17.11 3.57
C THR B 53 -9.88 17.09 2.85
N CYS B 54 -9.94 16.93 1.54
CA CYS B 54 -8.72 16.89 0.74
C CYS B 54 -7.90 18.15 1.03
N THR B 55 -6.60 17.98 1.25
CA THR B 55 -5.71 19.10 1.57
C THR B 55 -5.33 19.98 0.39
N HIS B 56 -5.78 19.59 -0.79
CA HIS B 56 -5.51 20.37 -1.98
C HIS B 56 -6.57 21.47 -2.10
N ASN B 57 -7.79 21.10 -2.45
CA ASN B 57 -8.87 22.08 -2.60
C ASN B 57 -10.13 21.79 -1.80
N GLY B 58 -10.01 20.95 -0.78
CA GLY B 58 -11.17 20.71 0.08
C GLY B 58 -12.29 19.75 -0.24
N CYS B 59 -12.21 19.03 -1.36
CA CYS B 59 -13.26 18.07 -1.69
C CYS B 59 -13.14 16.95 -0.68
N GLN B 60 -14.24 16.24 -0.44
CA GLN B 60 -14.17 15.14 0.51
C GLN B 60 -13.65 13.90 -0.20
N VAL B 61 -12.55 13.36 0.32
CA VAL B 61 -11.97 12.19 -0.29
C VAL B 61 -12.81 10.96 0.04
N ASN B 62 -12.71 9.98 -0.84
CA ASN B 62 -13.52 8.77 -0.74
C ASN B 62 -12.68 7.51 -0.55
N TRP B 63 -12.99 6.77 0.51
CA TRP B 63 -12.27 5.53 0.82
C TRP B 63 -12.61 4.44 -0.17
N LYS B 64 -11.58 3.89 -0.81
CA LYS B 64 -11.77 2.79 -1.77
C LYS B 64 -11.10 1.57 -1.11
N LYS B 65 -11.92 0.79 -0.42
CA LYS B 65 -11.42 -0.38 0.29
C LYS B 65 -10.59 -1.34 -0.55
N ALA B 66 -10.97 -1.56 -1.81
CA ALA B 66 -10.20 -2.49 -2.63
C ALA B 66 -8.79 -2.00 -2.92
N ASN B 67 -8.59 -0.68 -2.88
CA ASN B 67 -7.27 -0.13 -3.17
C ASN B 67 -6.53 0.35 -1.93
N GLY B 68 -7.18 0.27 -0.77
CA GLY B 68 -6.59 0.70 0.48
C GLY B 68 -6.22 2.17 0.46
N LYS B 69 -7.01 2.97 -0.23
CA LYS B 69 -6.70 4.39 -0.34
C LYS B 69 -7.91 5.27 -0.36
N PHE B 70 -7.70 6.50 0.10
CA PHE B 70 -8.74 7.52 -0.01
C PHE B 70 -8.39 8.15 -1.36
N VAL B 71 -9.38 8.34 -2.22
CA VAL B 71 -9.12 8.95 -3.51
C VAL B 71 -9.99 10.20 -3.60
N CYS B 72 -9.39 11.34 -3.97
CA CYS B 72 -10.16 12.55 -4.05
C CYS B 72 -10.86 12.56 -5.39
N PRO B 73 -12.19 12.72 -5.40
CA PRO B 73 -12.90 12.73 -6.68
C PRO B 73 -12.69 13.98 -7.51
N CYS B 74 -12.17 15.03 -6.89
CA CYS B 74 -11.98 16.26 -7.64
C CYS B 74 -10.77 16.26 -8.53
N HIS B 75 -9.58 15.98 -7.98
CA HIS B 75 -8.39 15.98 -8.83
C HIS B 75 -7.52 14.74 -8.69
N GLY B 76 -8.07 13.70 -8.09
CA GLY B 76 -7.35 12.45 -8.00
C GLY B 76 -6.24 12.26 -6.98
N ALA B 77 -6.05 13.20 -6.05
CA ALA B 77 -5.03 12.98 -5.03
C ALA B 77 -5.43 11.70 -4.31
N GLU B 78 -4.44 10.99 -3.76
CA GLU B 78 -4.73 9.77 -3.02
C GLU B 78 -4.02 9.84 -1.69
N PHE B 79 -4.61 9.18 -0.70
CA PHE B 79 -4.05 9.19 0.63
C PHE B 79 -4.19 7.80 1.18
N ALA B 80 -3.21 7.40 1.98
CA ALA B 80 -3.24 6.09 2.62
C ALA B 80 -4.27 6.10 3.75
N ALA B 81 -4.52 4.91 4.32
CA ALA B 81 -5.47 4.82 5.41
C ALA B 81 -5.11 5.78 6.55
N THR B 82 -3.80 6.03 6.72
CA THR B 82 -3.29 6.93 7.77
C THR B 82 -3.45 8.42 7.43
N GLY B 83 -3.87 8.69 6.21
CA GLY B 83 -3.99 10.07 5.76
C GLY B 83 -2.75 10.52 4.98
N LYS B 84 -1.70 9.70 5.00
CA LYS B 84 -0.47 10.05 4.28
C LYS B 84 -0.72 10.27 2.81
N VAL B 85 -0.26 11.39 2.28
CA VAL B 85 -0.47 11.68 0.86
C VAL B 85 0.38 10.73 0.02
N LEU B 86 -0.27 10.12 -0.96
CA LEU B 86 0.37 9.15 -1.85
C LEU B 86 0.49 9.62 -3.27
N LYS B 87 -0.39 10.54 -3.67
CA LYS B 87 -0.42 11.05 -5.01
C LYS B 87 -0.92 12.47 -4.99
N GLY B 88 -0.29 13.33 -5.77
CA GLY B 88 -0.70 14.71 -5.85
C GLY B 88 -2.04 14.86 -6.53
N PRO B 89 -2.50 16.09 -6.74
CA PRO B 89 -1.82 17.35 -6.40
C PRO B 89 -1.72 17.74 -4.94
N ALA B 90 -2.41 17.02 -4.05
CA ALA B 90 -2.28 17.35 -2.64
C ALA B 90 -0.83 17.10 -2.23
N ILE B 91 -0.33 17.91 -1.31
CA ILE B 91 1.06 17.74 -0.83
C ILE B 91 1.17 17.67 0.70
N ARG B 92 0.02 17.72 1.36
CA ARG B 92 -0.04 17.61 2.81
C ARG B 92 -0.93 16.43 3.14
N ASP B 93 -0.58 15.73 4.21
CA ASP B 93 -1.37 14.61 4.67
C ASP B 93 -2.72 15.07 5.24
N LEU B 94 -3.68 14.17 5.23
CA LEU B 94 -4.97 14.52 5.80
C LEU B 94 -4.81 14.65 7.29
N PRO B 95 -5.53 15.59 7.88
CA PRO B 95 -5.44 15.74 9.33
C PRO B 95 -6.00 14.42 9.88
N THR B 96 -5.60 14.03 11.08
CA THR B 96 -6.12 12.80 11.67
C THR B 96 -6.68 13.05 13.05
N TYR B 97 -7.37 12.04 13.59
CA TYR B 97 -7.91 12.14 14.93
C TYR B 97 -7.45 10.95 15.73
N ALA B 98 -7.18 11.15 17.01
CA ALA B 98 -6.80 10.02 17.84
C ALA B 98 -8.09 9.21 18.04
N THR B 99 -7.94 7.90 18.16
CA THR B 99 -9.12 7.07 18.37
C THR B 99 -8.96 6.20 19.60
N GLN B 100 -10.10 5.70 20.07
CA GLN B 100 -10.13 4.82 21.22
C GLN B 100 -11.24 3.83 20.96
N VAL B 101 -10.94 2.55 21.08
CA VAL B 101 -11.95 1.52 20.91
C VAL B 101 -12.33 1.15 22.34
N SER B 102 -13.56 1.48 22.74
CA SER B 102 -14.05 1.17 24.07
C SER B 102 -15.22 0.21 23.96
N GLY B 103 -15.02 -1.02 24.40
CA GLY B 103 -16.07 -2.02 24.34
C GLY B 103 -16.63 -2.15 22.95
N ASN B 104 -15.73 -2.32 21.98
CA ASN B 104 -16.13 -2.44 20.59
C ASN B 104 -16.65 -1.13 19.97
N ASN B 105 -16.80 -0.08 20.78
CA ASN B 105 -17.24 1.22 20.26
C ASN B 105 -16.03 2.02 19.79
N ILE B 106 -16.12 2.64 18.62
CA ILE B 106 -15.01 3.41 18.12
C ILE B 106 -15.22 4.87 18.47
N LEU B 107 -14.36 5.38 19.34
CA LEU B 107 -14.45 6.75 19.76
C LEU B 107 -13.43 7.61 19.06
N VAL B 108 -13.90 8.71 18.48
CA VAL B 108 -13.02 9.63 17.81
C VAL B 108 -12.85 10.82 18.73
N LYS B 109 -11.61 11.13 19.07
CA LYS B 109 -11.36 12.26 19.94
C LYS B 109 -10.98 13.50 19.16
N ALA B 110 -11.83 14.51 19.26
CA ALA B 110 -11.61 15.78 18.55
C ALA B 110 -11.39 16.93 19.52
N THR C 12 11.84 -13.94 -23.37
CA THR C 12 10.85 -12.90 -22.99
C THR C 12 9.43 -13.44 -22.90
N VAL C 13 8.69 -13.00 -21.88
CA VAL C 13 7.31 -13.45 -21.71
C VAL C 13 6.41 -12.22 -21.62
N ASN C 14 5.38 -12.19 -22.45
CA ASN C 14 4.43 -11.10 -22.48
C ASN C 14 3.30 -11.44 -21.51
N VAL C 15 3.21 -10.71 -20.40
CA VAL C 15 2.19 -10.99 -19.40
C VAL C 15 0.93 -10.14 -19.50
N GLY C 16 0.87 -9.26 -20.49
CA GLY C 16 -0.29 -8.41 -20.65
C GLY C 16 0.07 -6.95 -20.83
N THR C 17 -0.94 -6.09 -20.87
CA THR C 17 -0.74 -4.66 -21.10
C THR C 17 -0.78 -3.81 -19.85
N MET C 18 -0.34 -2.57 -19.99
CA MET C 18 -0.39 -1.64 -18.88
C MET C 18 -1.87 -1.46 -18.51
N ALA C 19 -2.75 -1.49 -19.52
CA ALA C 19 -4.18 -1.36 -19.26
C ALA C 19 -4.66 -2.52 -18.40
N ASP C 20 -4.21 -3.73 -18.72
CA ASP C 20 -4.58 -4.93 -17.96
C ASP C 20 -4.08 -4.78 -16.52
N LEU C 21 -2.85 -4.31 -16.39
CA LEU C 21 -2.27 -4.13 -15.07
C LEU C 21 -3.08 -3.14 -14.25
N LYS C 22 -3.49 -2.02 -14.84
CA LYS C 22 -4.28 -1.02 -14.12
C LYS C 22 -5.62 -1.62 -13.69
N ALA C 23 -6.26 -2.33 -14.61
CA ALA C 23 -7.57 -2.88 -14.33
C ALA C 23 -7.58 -4.05 -13.36
N LYS C 24 -6.54 -4.86 -13.42
CA LYS C 24 -6.46 -6.05 -12.59
C LYS C 24 -5.63 -5.93 -11.33
N GLY C 25 -4.74 -4.97 -11.28
CA GLY C 25 -3.92 -4.80 -10.08
C GLY C 25 -2.57 -5.48 -10.17
N GLU C 26 -2.51 -6.57 -10.92
CA GLU C 26 -1.27 -7.32 -11.11
C GLU C 26 -1.43 -8.22 -12.32
N LEU C 27 -0.31 -8.74 -12.82
CA LEU C 27 -0.34 -9.66 -13.95
C LEU C 27 0.58 -10.79 -13.57
N LYS C 28 0.14 -12.03 -13.76
CA LYS C 28 0.98 -13.18 -13.44
C LYS C 28 1.42 -13.88 -14.71
N GLY C 29 2.53 -14.59 -14.62
CA GLY C 29 2.98 -15.32 -15.78
C GLY C 29 3.96 -16.40 -15.37
N ASN C 30 4.39 -17.19 -16.35
CA ASN C 30 5.34 -18.26 -16.09
C ASN C 30 6.52 -18.03 -16.98
N THR C 31 7.71 -18.09 -16.41
CA THR C 31 8.91 -17.86 -17.19
C THR C 31 9.83 -19.06 -17.09
N PRO C 32 10.85 -19.07 -17.95
CA PRO C 32 11.81 -20.17 -17.95
C PRO C 32 12.58 -20.23 -16.64
N LYS C 33 12.48 -19.16 -15.84
CA LYS C 33 13.19 -19.13 -14.57
C LYS C 33 12.25 -19.12 -13.38
N GLY C 34 10.99 -19.42 -13.65
CA GLY C 34 10.00 -19.47 -12.59
C GLY C 34 8.80 -18.55 -12.77
N PRO C 35 7.87 -18.55 -11.81
CA PRO C 35 6.69 -17.71 -11.90
C PRO C 35 7.07 -16.23 -11.78
N VAL C 36 6.18 -15.37 -12.26
CA VAL C 36 6.38 -13.94 -12.17
C VAL C 36 5.06 -13.28 -11.84
N THR C 37 5.11 -12.21 -11.06
CA THR C 37 3.93 -11.43 -10.76
C THR C 37 4.42 -10.00 -10.98
N VAL C 38 3.71 -9.27 -11.81
CA VAL C 38 4.05 -7.88 -12.11
C VAL C 38 3.05 -7.00 -11.41
N VAL C 39 3.55 -6.01 -10.70
CA VAL C 39 2.69 -5.09 -9.98
C VAL C 39 3.16 -3.66 -10.21
N PRO C 40 2.29 -2.69 -9.92
CA PRO C 40 2.65 -1.28 -10.09
C PRO C 40 3.68 -0.94 -9.03
N ASN C 41 4.52 0.04 -9.31
CA ASN C 41 5.55 0.46 -8.37
C ASN C 41 5.74 1.98 -8.42
N GLY C 42 4.63 2.70 -8.52
CA GLY C 42 4.72 4.15 -8.55
C GLY C 42 3.49 4.75 -9.20
N ASN C 43 3.43 6.08 -9.25
CA ASN C 43 2.29 6.76 -9.85
C ASN C 43 2.52 7.15 -11.30
N SER C 44 3.72 6.92 -11.82
CA SER C 44 3.97 7.31 -13.20
C SER C 44 4.30 6.13 -14.10
N GLY C 45 3.57 5.03 -13.91
CA GLY C 45 3.78 3.85 -14.75
C GLY C 45 4.93 2.92 -14.43
N GLN C 46 5.59 3.11 -13.30
CA GLN C 46 6.70 2.24 -12.95
C GLN C 46 6.09 0.90 -12.61
N ILE C 47 6.77 -0.18 -12.98
CA ILE C 47 6.28 -1.51 -12.65
C ILE C 47 7.39 -2.35 -12.06
N SER C 48 7.01 -3.43 -11.41
CA SER C 48 7.99 -4.32 -10.78
C SER C 48 7.56 -5.75 -11.01
N ALA C 49 8.50 -6.58 -11.45
CA ALA C 49 8.23 -7.98 -11.71
C ALA C 49 9.03 -8.80 -10.71
N VAL C 50 8.33 -9.62 -9.91
CA VAL C 50 9.04 -10.43 -8.92
C VAL C 50 8.71 -11.88 -9.14
N ASN C 51 9.57 -12.75 -8.63
CA ASN C 51 9.27 -14.16 -8.67
C ASN C 51 8.59 -14.22 -7.29
N PRO C 52 7.28 -14.54 -7.24
CA PRO C 52 6.56 -14.59 -5.97
C PRO C 52 6.83 -15.77 -5.07
N THR C 53 7.91 -16.51 -5.32
CA THR C 53 8.20 -17.62 -4.45
C THR C 53 8.79 -17.04 -3.17
N CYS C 54 8.07 -17.21 -2.06
CA CYS C 54 8.54 -16.68 -0.79
C CYS C 54 9.95 -17.23 -0.51
N THR C 55 10.85 -16.36 -0.08
CA THR C 55 12.24 -16.78 0.17
C THR C 55 12.46 -17.49 1.49
N HIS C 56 11.38 -17.71 2.20
CA HIS C 56 11.49 -18.44 3.45
C HIS C 56 11.28 -19.94 3.15
N ASN C 57 10.05 -20.35 2.88
CA ASN C 57 9.75 -21.76 2.60
C ASN C 57 9.02 -22.02 1.27
N GLY C 58 9.25 -21.14 0.31
CA GLY C 58 8.68 -21.34 -1.02
C GLY C 58 7.21 -21.19 -1.35
N CYS C 59 6.36 -20.76 -0.41
CA CYS C 59 4.96 -20.56 -0.75
C CYS C 59 4.91 -19.36 -1.69
N GLN C 60 3.87 -19.29 -2.50
CA GLN C 60 3.74 -18.19 -3.42
C GLN C 60 3.10 -17.05 -2.66
N VAL C 61 3.74 -15.88 -2.70
CA VAL C 61 3.21 -14.74 -1.98
C VAL C 61 2.07 -14.11 -2.78
N ASN C 62 1.19 -13.40 -2.08
CA ASN C 62 0.01 -12.82 -2.69
C ASN C 62 0.05 -11.30 -2.64
N TRP C 63 -0.04 -10.66 -3.81
CA TRP C 63 0.00 -9.22 -3.85
C TRP C 63 -1.31 -8.67 -3.26
N LYS C 64 -1.20 -7.81 -2.26
CA LYS C 64 -2.36 -7.20 -1.62
C LYS C 64 -2.34 -5.74 -1.98
N LYS C 65 -3.04 -5.38 -3.06
CA LYS C 65 -3.03 -4.00 -3.52
C LYS C 65 -3.51 -3.02 -2.45
N ALA C 66 -4.41 -3.46 -1.59
CA ALA C 66 -4.92 -2.57 -0.53
C ALA C 66 -3.86 -2.26 0.53
N ASN C 67 -2.80 -3.06 0.58
CA ASN C 67 -1.74 -2.83 1.57
C ASN C 67 -0.43 -2.44 0.90
N GLY C 68 -0.39 -2.50 -0.43
CA GLY C 68 0.84 -2.17 -1.16
C GLY C 68 1.97 -3.13 -0.84
N LYS C 69 1.63 -4.38 -0.59
CA LYS C 69 2.65 -5.39 -0.26
C LYS C 69 2.28 -6.79 -0.68
N PHE C 70 3.28 -7.63 -0.87
CA PHE C 70 3.07 -9.04 -1.16
C PHE C 70 3.05 -9.60 0.24
N VAL C 71 2.10 -10.48 0.52
CA VAL C 71 2.02 -11.13 1.81
C VAL C 71 2.05 -12.64 1.60
N CYS C 72 2.93 -13.33 2.32
CA CYS C 72 2.99 -14.79 2.17
C CYS C 72 1.88 -15.41 3.02
N PRO C 73 1.03 -16.24 2.41
CA PRO C 73 -0.06 -16.87 3.14
C PRO C 73 0.38 -17.93 4.12
N CYS C 74 1.60 -18.42 3.96
CA CYS C 74 2.07 -19.47 4.84
C CYS C 74 2.56 -19.00 6.19
N HIS C 75 3.49 -18.05 6.22
CA HIS C 75 3.93 -17.59 7.54
C HIS C 75 3.93 -16.07 7.72
N GLY C 76 3.32 -15.36 6.79
CA GLY C 76 3.20 -13.93 6.93
C GLY C 76 4.34 -13.02 6.53
N ALA C 77 5.39 -13.54 5.91
CA ALA C 77 6.47 -12.62 5.50
C ALA C 77 5.82 -11.64 4.55
N GLU C 78 6.39 -10.45 4.46
CA GLU C 78 5.82 -9.45 3.57
C GLU C 78 6.92 -8.83 2.74
N PHE C 79 6.57 -8.39 1.55
CA PHE C 79 7.55 -7.81 0.65
C PHE C 79 6.96 -6.61 -0.04
N ALA C 80 7.82 -5.65 -0.35
CA ALA C 80 7.39 -4.46 -1.05
C ALA C 80 7.12 -4.81 -2.52
N ALA C 81 6.54 -3.87 -3.25
CA ALA C 81 6.27 -4.06 -4.68
C ALA C 81 7.56 -4.48 -5.42
N THR C 82 8.69 -3.96 -4.94
CA THR C 82 10.01 -4.23 -5.51
C THR C 82 10.55 -5.60 -5.13
N GLY C 83 9.85 -6.28 -4.23
CA GLY C 83 10.31 -7.57 -3.77
C GLY C 83 11.14 -7.44 -2.50
N LYS C 84 11.41 -6.21 -2.06
CA LYS C 84 12.20 -6.01 -0.85
C LYS C 84 11.50 -6.61 0.35
N VAL C 85 12.20 -7.41 1.13
CA VAL C 85 11.57 -8.00 2.29
C VAL C 85 11.25 -6.94 3.35
N LEU C 86 10.03 -6.99 3.85
CA LEU C 86 9.56 -6.02 4.83
C LEU C 86 9.26 -6.60 6.19
N LYS C 87 9.00 -7.90 6.22
CA LYS C 87 8.64 -8.58 7.44
C LYS C 87 9.06 -10.03 7.31
N GLY C 88 9.63 -10.57 8.38
CA GLY C 88 10.05 -11.95 8.38
C GLY C 88 8.87 -12.90 8.41
N PRO C 89 9.12 -14.22 8.51
CA PRO C 89 10.44 -14.85 8.65
C PRO C 89 11.41 -14.84 7.46
N ALA C 90 10.92 -14.48 6.27
CA ALA C 90 11.83 -14.40 5.13
C ALA C 90 12.92 -13.34 5.43
N ILE C 91 14.15 -13.58 4.97
CA ILE C 91 15.22 -12.62 5.20
C ILE C 91 15.94 -12.18 3.92
N ARG C 92 15.46 -12.70 2.79
CA ARG C 92 16.00 -12.40 1.49
C ARG C 92 14.91 -11.76 0.65
N ASP C 93 15.28 -10.84 -0.21
CA ASP C 93 14.30 -10.19 -1.09
C ASP C 93 13.85 -11.17 -2.14
N LEU C 94 12.66 -10.95 -2.68
CA LEU C 94 12.20 -11.80 -3.76
C LEU C 94 13.07 -11.56 -4.98
N PRO C 95 13.30 -12.62 -5.76
CA PRO C 95 14.10 -12.50 -6.96
C PRO C 95 13.26 -11.58 -7.84
N THR C 96 13.89 -10.83 -8.74
CA THR C 96 13.11 -9.96 -9.61
C THR C 96 13.49 -10.20 -11.07
N TYR C 97 12.66 -9.70 -11.97
CA TYR C 97 12.94 -9.81 -13.39
C TYR C 97 12.98 -8.42 -14.00
N ALA C 98 13.85 -8.24 -14.99
CA ALA C 98 13.87 -6.95 -15.70
C ALA C 98 12.61 -6.97 -16.56
N THR C 99 12.08 -5.80 -16.83
CA THR C 99 10.90 -5.69 -17.67
C THR C 99 11.15 -4.67 -18.74
N GLN C 100 10.33 -4.73 -19.77
CA GLN C 100 10.41 -3.77 -20.85
C GLN C 100 8.96 -3.57 -21.26
N VAL C 101 8.54 -2.32 -21.40
CA VAL C 101 7.17 -2.08 -21.84
C VAL C 101 7.29 -1.68 -23.29
N SER C 102 6.78 -2.52 -24.18
CA SER C 102 6.83 -2.27 -25.60
C SER C 102 5.42 -2.12 -26.15
N GLY C 103 5.07 -0.90 -26.53
CA GLY C 103 3.74 -0.68 -27.06
C GLY C 103 2.66 -1.09 -26.09
N ASN C 104 2.77 -0.59 -24.87
CA ASN C 104 1.80 -0.90 -23.81
C ASN C 104 1.89 -2.32 -23.29
N ASN C 105 2.64 -3.19 -23.98
CA ASN C 105 2.78 -4.59 -23.56
C ASN C 105 3.90 -4.73 -22.53
N ILE C 106 3.65 -5.48 -21.47
CA ILE C 106 4.67 -5.66 -20.46
C ILE C 106 5.42 -6.96 -20.74
N LEU C 107 6.71 -6.83 -21.03
CA LEU C 107 7.53 -7.98 -21.33
C LEU C 107 8.45 -8.28 -20.16
N VAL C 108 8.44 -9.55 -19.74
CA VAL C 108 9.29 -9.95 -18.64
C VAL C 108 10.47 -10.69 -19.22
N LYS C 109 11.66 -10.22 -18.88
CA LYS C 109 12.89 -10.81 -19.36
C LYS C 109 13.42 -11.83 -18.36
N ALA C 110 13.51 -13.07 -18.78
CA ALA C 110 14.04 -14.09 -17.88
C ALA C 110 15.40 -14.52 -18.43
N THR D 12 7.45 -39.84 36.56
CA THR D 12 7.42 -38.36 36.71
C THR D 12 8.84 -37.79 36.73
N VAL D 13 8.94 -36.49 36.51
CA VAL D 13 10.22 -35.80 36.50
C VAL D 13 10.15 -34.56 37.36
N ASN D 14 11.09 -34.43 38.29
CA ASN D 14 11.13 -33.28 39.18
C ASN D 14 12.00 -32.20 38.57
N VAL D 15 11.38 -31.09 38.18
CA VAL D 15 12.08 -29.99 37.51
C VAL D 15 12.44 -28.83 38.43
N GLY D 16 12.20 -28.98 39.72
CA GLY D 16 12.53 -27.90 40.62
C GLY D 16 11.36 -27.59 41.53
N THR D 17 11.52 -26.60 42.38
CA THR D 17 10.49 -26.20 43.35
C THR D 17 9.72 -24.98 42.91
N MET D 18 8.63 -24.71 43.62
CA MET D 18 7.80 -23.56 43.34
C MET D 18 8.63 -22.30 43.51
N ALA D 19 9.53 -22.31 44.51
CA ALA D 19 10.38 -21.14 44.76
C ALA D 19 11.29 -20.92 43.55
N ASP D 20 11.83 -22.00 43.01
CA ASP D 20 12.69 -21.90 41.83
C ASP D 20 11.87 -21.37 40.67
N LEU D 21 10.66 -21.89 40.51
CA LEU D 21 9.80 -21.43 39.44
C LEU D 21 9.51 -19.95 39.61
N LYS D 22 9.16 -19.52 40.81
CA LYS D 22 8.87 -18.11 41.00
C LYS D 22 10.10 -17.24 40.80
N ALA D 23 11.25 -17.71 41.26
CA ALA D 23 12.47 -16.93 41.12
C ALA D 23 12.96 -16.85 39.66
N LYS D 24 12.89 -17.98 38.95
CA LYS D 24 13.38 -18.04 37.57
C LYS D 24 12.37 -17.71 36.48
N GLY D 25 11.08 -17.86 36.80
CA GLY D 25 10.05 -17.57 35.84
C GLY D 25 9.54 -18.79 35.10
N GLU D 26 10.39 -19.82 35.04
CA GLU D 26 10.06 -21.06 34.36
C GLU D 26 11.07 -22.14 34.74
N LEU D 27 10.71 -23.39 34.50
CA LEU D 27 11.62 -24.49 34.77
C LEU D 27 11.60 -25.40 33.57
N LYS D 28 12.78 -25.74 33.05
CA LYS D 28 12.82 -26.63 31.88
C LYS D 28 13.24 -28.03 32.30
N GLY D 29 12.84 -29.02 31.53
CA GLY D 29 13.21 -30.38 31.84
C GLY D 29 13.09 -31.27 30.62
N ASN D 30 13.46 -32.53 30.79
CA ASN D 30 13.34 -33.49 29.69
C ASN D 30 12.56 -34.65 30.25
N THR D 31 11.54 -35.08 29.53
CA THR D 31 10.73 -36.19 29.99
C THR D 31 10.73 -37.29 28.93
N PRO D 32 10.18 -38.46 29.30
CA PRO D 32 10.11 -39.60 28.38
C PRO D 32 9.27 -39.31 27.14
N LYS D 33 8.48 -38.24 27.20
CA LYS D 33 7.64 -37.88 26.09
C LYS D 33 8.09 -36.56 25.45
N GLY D 34 9.30 -36.14 25.77
CA GLY D 34 9.82 -34.93 25.16
C GLY D 34 10.20 -33.86 26.16
N PRO D 35 10.67 -32.71 25.67
CA PRO D 35 11.08 -31.62 26.55
C PRO D 35 9.83 -31.04 27.24
N VAL D 36 10.07 -30.34 28.34
CA VAL D 36 8.99 -29.69 29.06
C VAL D 36 9.45 -28.34 29.59
N THR D 37 8.54 -27.39 29.61
CA THR D 37 8.81 -26.09 30.17
C THR D 37 7.65 -25.85 31.09
N VAL D 38 7.92 -25.58 32.36
CA VAL D 38 6.85 -25.33 33.30
C VAL D 38 6.82 -23.85 33.60
N VAL D 39 5.63 -23.26 33.54
CA VAL D 39 5.48 -21.84 33.80
C VAL D 39 4.32 -21.62 34.76
N PRO D 40 4.28 -20.45 35.40
CA PRO D 40 3.17 -20.19 36.33
C PRO D 40 1.92 -20.04 35.48
N ASN D 41 0.77 -20.38 36.04
CA ASN D 41 -0.48 -20.27 35.30
C ASN D 41 -1.54 -19.59 36.17
N GLY D 42 -1.19 -18.41 36.67
CA GLY D 42 -2.11 -17.66 37.51
C GLY D 42 -1.91 -17.89 39.01
N ASN D 43 -2.95 -17.66 39.78
CA ASN D 43 -2.86 -17.81 41.23
C ASN D 43 -3.23 -19.20 41.72
N SER D 44 -3.42 -19.33 43.04
CA SER D 44 -3.77 -20.60 43.66
C SER D 44 -2.69 -21.67 43.46
N GLY D 45 -1.49 -21.23 43.10
CA GLY D 45 -0.38 -22.16 42.90
C GLY D 45 -0.51 -22.93 41.61
N GLN D 46 -1.30 -22.40 40.69
CA GLN D 46 -1.53 -23.04 39.41
C GLN D 46 -0.30 -22.90 38.52
N ILE D 47 0.06 -23.99 37.86
CA ILE D 47 1.22 -23.96 36.97
C ILE D 47 0.83 -24.73 35.72
N SER D 48 1.63 -24.59 34.67
CA SER D 48 1.34 -25.27 33.40
C SER D 48 2.63 -25.83 32.86
N ALA D 49 2.58 -27.09 32.45
CA ALA D 49 3.76 -27.73 31.89
C ALA D 49 3.43 -28.03 30.45
N VAL D 50 4.21 -27.46 29.53
CA VAL D 50 3.97 -27.69 28.11
C VAL D 50 5.20 -28.33 27.50
N ASN D 51 5.00 -28.96 26.35
CA ASN D 51 6.11 -29.49 25.58
C ASN D 51 6.30 -28.25 24.69
N PRO D 52 7.44 -27.55 24.82
CA PRO D 52 7.72 -26.35 24.04
C PRO D 52 7.99 -26.53 22.57
N THR D 53 7.79 -27.74 22.07
CA THR D 53 8.01 -27.93 20.64
C THR D 53 6.88 -27.27 19.89
N CYS D 54 7.20 -26.19 19.17
CA CYS D 54 6.18 -25.50 18.40
C CYS D 54 5.46 -26.50 17.48
N THR D 55 4.14 -26.43 17.47
CA THR D 55 3.31 -27.34 16.69
C THR D 55 3.29 -27.01 15.21
N HIS D 56 4.00 -25.97 14.83
CA HIS D 56 4.06 -25.63 13.43
C HIS D 56 5.22 -26.41 12.81
N ASN D 57 6.44 -25.96 13.10
CA ASN D 57 7.64 -26.57 12.53
C ASN D 57 8.66 -27.09 13.54
N GLY D 58 8.22 -27.32 14.77
CA GLY D 58 9.13 -27.89 15.75
C GLY D 58 10.19 -27.05 16.44
N CYS D 59 10.24 -25.73 16.24
CA CYS D 59 11.21 -24.95 16.97
C CYS D 59 10.77 -24.90 18.44
N GLN D 60 11.73 -24.74 19.35
CA GLN D 60 11.41 -24.67 20.77
C GLN D 60 10.89 -23.27 21.05
N VAL D 61 9.66 -23.17 21.54
CA VAL D 61 9.10 -21.88 21.87
C VAL D 61 9.75 -21.34 23.14
N ASN D 62 9.75 -20.01 23.26
CA ASN D 62 10.40 -19.32 24.36
C ASN D 62 9.43 -18.53 25.21
N TRP D 63 9.40 -18.83 26.50
CA TRP D 63 8.50 -18.16 27.42
C TRP D 63 8.95 -16.73 27.66
N LYS D 64 8.01 -15.80 27.48
CA LYS D 64 8.27 -14.38 27.66
C LYS D 64 7.40 -13.96 28.84
N LYS D 65 7.99 -14.00 30.02
CA LYS D 65 7.28 -13.65 31.23
C LYS D 65 6.66 -12.25 31.17
N ALA D 66 7.27 -11.34 30.43
CA ALA D 66 6.75 -9.98 30.34
C ALA D 66 5.41 -9.91 29.60
N ASN D 67 5.19 -10.84 28.68
CA ASN D 67 3.97 -10.85 27.90
C ASN D 67 3.04 -12.01 28.28
N GLY D 68 3.49 -12.84 29.20
CA GLY D 68 2.69 -13.97 29.62
C GLY D 68 2.40 -14.93 28.48
N LYS D 69 3.38 -15.16 27.61
CA LYS D 69 3.18 -16.09 26.51
C LYS D 69 4.46 -16.68 25.99
N PHE D 70 4.32 -17.83 25.35
CA PHE D 70 5.44 -18.49 24.70
C PHE D 70 5.48 -17.92 23.30
N VAL D 71 6.67 -17.55 22.84
CA VAL D 71 6.81 -17.02 21.50
C VAL D 71 7.76 -17.91 20.73
N CYS D 72 7.36 -18.38 19.55
CA CYS D 72 8.24 -19.22 18.76
C CYS D 72 9.21 -18.28 18.04
N PRO D 73 10.52 -18.49 18.19
CA PRO D 73 11.50 -17.62 17.54
C PRO D 73 11.66 -17.87 16.06
N CYS D 74 11.09 -18.97 15.57
CA CYS D 74 11.24 -19.26 14.15
C CYS D 74 10.25 -18.50 13.28
N HIS D 75 8.96 -18.65 13.56
CA HIS D 75 7.98 -17.94 12.75
C HIS D 75 6.93 -17.14 13.52
N GLY D 76 7.21 -16.88 14.80
CA GLY D 76 6.33 -16.05 15.58
C GLY D 76 5.04 -16.58 16.17
N ALA D 77 4.73 -17.86 16.03
CA ALA D 77 3.52 -18.38 16.65
C ALA D 77 3.62 -18.04 18.15
N GLU D 78 2.48 -17.85 18.82
CA GLU D 78 2.46 -17.54 20.24
C GLU D 78 1.46 -18.46 20.90
N PHE D 79 1.73 -18.78 22.17
CA PHE D 79 0.90 -19.69 22.92
C PHE D 79 0.79 -19.17 24.34
N ALA D 80 -0.37 -19.39 24.93
CA ALA D 80 -0.64 -18.98 26.30
C ALA D 80 0.14 -19.91 27.22
N ALA D 81 0.22 -19.56 28.51
CA ALA D 81 0.91 -20.40 29.48
C ALA D 81 0.41 -21.84 29.41
N THR D 82 -0.87 -22.00 29.11
CA THR D 82 -1.55 -23.30 29.01
C THR D 82 -1.17 -24.09 27.76
N GLY D 83 -0.49 -23.41 26.84
CA GLY D 83 -0.09 -24.02 25.60
C GLY D 83 -1.11 -23.71 24.51
N LYS D 84 -2.20 -23.03 24.87
CA LYS D 84 -3.19 -22.72 23.85
C LYS D 84 -2.62 -21.77 22.81
N VAL D 85 -2.81 -22.10 21.54
CA VAL D 85 -2.31 -21.26 20.49
C VAL D 85 -3.06 -19.92 20.42
N LEU D 86 -2.29 -18.85 20.36
CA LEU D 86 -2.82 -17.49 20.32
C LEU D 86 -2.54 -16.79 19.00
N LYS D 87 -1.51 -17.23 18.30
CA LYS D 87 -1.15 -16.62 17.03
C LYS D 87 -0.50 -17.67 16.15
N GLY D 88 -0.86 -17.65 14.87
CA GLY D 88 -0.29 -18.60 13.92
C GLY D 88 1.17 -18.27 13.67
N PRO D 89 1.82 -18.96 12.73
CA PRO D 89 1.21 -20.00 11.92
C PRO D 89 0.79 -21.32 12.56
N ALA D 90 1.17 -21.56 13.81
CA ALA D 90 0.75 -22.81 14.42
C ALA D 90 -0.77 -22.81 14.58
N ILE D 91 -1.40 -23.98 14.45
CA ILE D 91 -2.85 -24.07 14.61
C ILE D 91 -3.27 -25.11 15.64
N ARG D 92 -2.28 -25.75 16.27
CA ARG D 92 -2.57 -26.72 17.32
C ARG D 92 -1.96 -26.22 18.62
N ASP D 93 -2.62 -26.51 19.73
CA ASP D 93 -2.10 -26.13 21.04
C ASP D 93 -0.85 -26.96 21.35
N LEU D 94 0.02 -26.43 22.19
CA LEU D 94 1.19 -27.21 22.56
C LEU D 94 0.74 -28.42 23.40
N PRO D 95 1.44 -29.55 23.28
CA PRO D 95 1.03 -30.70 24.11
C PRO D 95 1.30 -30.24 25.55
N THR D 96 0.61 -30.81 26.53
CA THR D 96 0.86 -30.42 27.92
C THR D 96 1.08 -31.67 28.74
N TYR D 97 1.59 -31.47 29.95
CA TYR D 97 1.81 -32.59 30.86
C TYR D 97 1.08 -32.33 32.15
N ALA D 98 0.58 -33.39 32.76
CA ALA D 98 -0.09 -33.21 34.04
C ALA D 98 1.03 -32.94 35.04
N THR D 99 0.74 -32.12 36.04
CA THR D 99 1.72 -31.83 37.07
C THR D 99 1.15 -32.08 38.45
N GLN D 100 2.05 -32.17 39.41
CA GLN D 100 1.68 -32.37 40.80
C GLN D 100 2.75 -31.68 41.61
N VAL D 101 2.34 -30.87 42.57
CA VAL D 101 3.32 -30.22 43.42
C VAL D 101 3.31 -31.06 44.68
N SER D 102 4.42 -31.75 44.92
CA SER D 102 4.58 -32.61 46.08
C SER D 102 5.70 -32.01 46.93
N GLY D 103 5.35 -31.56 48.12
CA GLY D 103 6.34 -30.97 49.01
C GLY D 103 7.11 -29.86 48.32
N ASN D 104 6.38 -28.94 47.69
CA ASN D 104 7.01 -27.83 46.98
C ASN D 104 7.79 -28.24 45.73
N ASN D 105 7.96 -29.55 45.52
CA ASN D 105 8.66 -30.03 44.32
C ASN D 105 7.64 -30.10 43.18
N ILE D 106 8.03 -29.62 42.00
CA ILE D 106 7.14 -29.67 40.86
C ILE D 106 7.41 -30.93 40.07
N LEU D 107 6.42 -31.82 40.06
CA LEU D 107 6.55 -33.08 39.36
C LEU D 107 5.78 -33.06 38.04
N VAL D 108 6.44 -33.51 37.00
CA VAL D 108 5.83 -33.57 35.67
C VAL D 108 5.55 -35.01 35.33
N LYS D 109 4.28 -35.31 35.02
CA LYS D 109 3.86 -36.65 34.67
C LYS D 109 4.05 -36.89 33.17
N ALA D 110 4.91 -37.85 32.84
CA ALA D 110 5.17 -38.20 31.44
C ALA D 110 5.82 -39.58 31.33
FE1 FES E . -4.84 22.49 -15.17
FE2 FES E . -6.06 22.06 -12.82
S1 FES E . -5.46 20.50 -14.33
S2 FES E . -5.35 24.03 -13.66
NI NI F . -11.09 21.47 -9.66
NI NI G . -4.47 23.30 -7.24
FE1 FES H . -8.56 16.82 -3.72
FE2 FES H . -7.92 18.66 -5.58
S1 FES H . -7.08 16.59 -5.37
S2 FES H . -9.54 18.83 -4.03
FE1 FES I . 6.57 -17.41 3.15
FE2 FES I . 7.20 -18.97 5.24
S1 FES I . 6.79 -16.77 5.27
S2 FES I . 6.90 -19.64 3.13
NI NI J . 11.32 -21.36 8.83
NI NI K . 4.65 -23.76 7.61
FE1 FES L . 7.06 -22.17 15.50
FE2 FES L . 7.08 -22.06 12.80
S1 FES L . 5.95 -20.71 14.21
S2 FES L . 8.27 -23.43 14.09
S SO4 M . 11.78 -11.64 37.01
O1 SO4 M . 11.85 -13.10 36.85
O2 SO4 M . 11.70 -11.32 38.45
O3 SO4 M . 10.58 -11.10 36.32
O4 SO4 M . 12.99 -11.01 36.43
#